data_3PA7
#
_entry.id   3PA7
#
_cell.length_a   88.963
_cell.length_b   41.378
_cell.length_c   61.303
_cell.angle_alpha   90.00
_cell.angle_beta   95.02
_cell.angle_gamma   90.00
#
_symmetry.space_group_name_H-M   'C 1 2 1'
#
loop_
_entity.id
_entity.type
_entity.pdbx_description
1 polymer '70 kDa peptidylprolyl isomerase, putative'
2 polymer '4-mer Peptide ALPF'
3 water water
#
loop_
_entity_poly.entity_id
_entity_poly.type
_entity_poly.pdbx_seq_one_letter_code
_entity_poly.pdbx_strand_id
1 'polypeptide(L)'
;MEQETLEQVHLTEDGGVVKTILRKGEGGEENAPKKGNEVTVHYVGKLESSGKVFDSSRERNVPFKFHLGQGEVIKGWDIC
VASMTKNEKCSVRLDSKYGYGEEGCGESIPGNSVLIFEIELISFRE
;
A,B
2 'polypeptide(L)' ALPF D
#
# COMPACT_ATOMS: atom_id res chain seq x y z
N GLN A 3 13.26 4.20 16.50
CA GLN A 3 12.16 5.06 15.98
C GLN A 3 11.62 4.57 14.62
N GLU A 4 11.90 3.30 14.28
CA GLU A 4 11.47 2.74 12.99
C GLU A 4 10.01 2.37 12.94
N THR A 5 9.36 2.81 11.88
CA THR A 5 8.00 2.44 11.72
C THR A 5 7.76 1.79 10.37
N LEU A 6 6.87 0.80 10.38
CA LEU A 6 6.72 -0.18 9.31
C LEU A 6 5.67 0.25 8.32
N GLU A 7 5.91 -0.03 7.04
CA GLU A 7 5.00 0.37 5.96
C GLU A 7 3.78 -0.55 5.84
N GLN A 8 2.60 -0.01 6.17
CA GLN A 8 1.34 -0.75 6.01
C GLN A 8 0.53 -0.33 4.79
N VAL A 9 0.21 -1.28 3.91
CA VAL A 9 -0.44 -0.96 2.64
C VAL A 9 -1.90 -1.42 2.59
N HIS A 10 -2.79 -0.49 2.26
CA HIS A 10 -4.22 -0.76 2.14
C HIS A 10 -4.49 -1.46 0.81
N LEU A 11 -4.97 -2.70 0.87
CA LEU A 11 -5.20 -3.52 -0.33
C LEU A 11 -6.64 -3.46 -0.84
N THR A 12 -7.48 -2.75 -0.10
CA THR A 12 -8.87 -2.50 -0.46
C THR A 12 -9.11 -1.01 -0.27
N GLU A 13 -10.26 -0.53 -0.74
CA GLU A 13 -10.58 0.89 -0.65
C GLU A 13 -11.29 1.23 0.65
N ASP A 14 -11.82 0.20 1.33
CA ASP A 14 -12.50 0.39 2.62
C ASP A 14 -11.61 0.24 3.88
N GLY A 15 -10.29 0.10 3.69
CA GLY A 15 -9.38 -0.07 4.82
C GLY A 15 -9.63 -1.34 5.61
N GLY A 16 -10.34 -2.30 5.00
CA GLY A 16 -10.62 -3.59 5.61
C GLY A 16 -9.59 -4.69 5.39
N VAL A 17 -8.56 -4.41 4.58
CA VAL A 17 -7.36 -5.28 4.47
C VAL A 17 -6.09 -4.41 4.50
N VAL A 18 -5.44 -4.33 5.64
CA VAL A 18 -4.23 -3.51 5.73
C VAL A 18 -3.04 -4.42 6.04
N LYS A 19 -2.07 -4.44 5.13
CA LYS A 19 -0.93 -5.33 5.26
C LYS A 19 0.31 -4.57 5.73
N THR A 20 0.85 -5.00 6.87
CA THR A 20 2.10 -4.50 7.38
C THR A 20 3.14 -5.54 7.03
N ILE A 21 4.15 -5.17 6.26
CA ILE A 21 5.18 -6.14 5.89
C ILE A 21 6.30 -6.18 6.95
N LEU A 22 6.41 -7.32 7.64
CA LEU A 22 7.44 -7.49 8.65
C LEU A 22 8.77 -7.89 8.00
N ARG A 23 8.68 -8.75 6.99
CA ARG A 23 9.83 -9.13 6.16
C ARG A 23 9.48 -9.13 4.69
N LYS A 24 10.16 -8.27 3.93
CA LYS A 24 10.03 -8.23 2.48
C LYS A 24 10.44 -9.55 1.81
N GLY A 25 9.76 -9.91 0.74
CA GLY A 25 10.08 -11.13 0.02
C GLY A 25 11.19 -10.96 -0.99
N GLU A 26 11.11 -11.70 -2.09
CA GLU A 26 12.07 -11.55 -3.17
C GLU A 26 11.46 -10.67 -4.25
N GLY A 27 12.32 -9.93 -4.95
CA GLY A 27 11.88 -8.82 -5.80
C GLY A 27 11.56 -9.12 -7.26
N GLY A 28 11.76 -10.36 -7.69
CA GLY A 28 11.54 -10.72 -9.09
C GLY A 28 10.09 -11.02 -9.46
N GLU A 29 9.78 -10.92 -10.75
CA GLU A 29 8.47 -11.32 -11.26
C GLU A 29 8.26 -12.82 -11.05
N GLU A 30 9.31 -13.60 -11.28
CA GLU A 30 9.34 -15.05 -11.02
C GLU A 30 8.92 -15.39 -9.60
N ASN A 31 9.10 -14.43 -8.72
CA ASN A 31 8.82 -14.61 -7.31
C ASN A 31 7.40 -14.23 -6.91
N ALA A 32 6.61 -13.79 -7.88
CA ALA A 32 5.23 -13.36 -7.64
C ALA A 32 4.22 -14.43 -8.05
N PRO A 33 3.33 -14.82 -7.12
CA PRO A 33 2.37 -15.90 -7.35
C PRO A 33 1.15 -15.44 -8.14
N LYS A 34 0.73 -16.28 -9.08
CA LYS A 34 -0.42 -15.98 -9.95
C LYS A 34 -1.68 -16.75 -9.56
N LYS A 35 -2.84 -16.22 -9.95
CA LYS A 35 -4.12 -16.87 -9.69
C LYS A 35 -4.14 -18.34 -10.11
N GLY A 36 -4.46 -19.22 -9.16
CA GLY A 36 -4.53 -20.65 -9.44
C GLY A 36 -3.28 -21.40 -9.05
N ASN A 37 -2.19 -20.67 -8.81
CA ASN A 37 -0.97 -21.24 -8.29
C ASN A 37 -1.24 -21.83 -6.93
N GLU A 38 -0.63 -22.98 -6.67
CA GLU A 38 -0.67 -23.56 -5.36
C GLU A 38 0.38 -22.87 -4.50
N VAL A 39 -0.08 -22.12 -3.49
CA VAL A 39 0.83 -21.46 -2.57
C VAL A 39 1.02 -22.27 -1.29
N THR A 40 2.22 -22.24 -0.74
CA THR A 40 2.52 -22.87 0.53
C THR A 40 2.80 -21.73 1.49
N VAL A 41 2.08 -21.70 2.60
CA VAL A 41 2.22 -20.63 3.59
C VAL A 41 2.40 -21.19 4.99
N HIS A 42 2.95 -20.39 5.89
CA HIS A 42 2.73 -20.60 7.31
C HIS A 42 2.02 -19.37 7.86
N TYR A 43 1.11 -19.56 8.80
CA TYR A 43 0.33 -18.46 9.35
C TYR A 43 -0.03 -18.66 10.82
N VAL A 44 -0.36 -17.54 11.45
CA VAL A 44 -0.84 -17.47 12.82
C VAL A 44 -2.00 -16.50 12.80
N GLY A 45 -3.15 -16.94 13.28
CA GLY A 45 -4.33 -16.11 13.30
C GLY A 45 -4.75 -15.82 14.72
N LYS A 46 -4.82 -14.54 15.03
CA LYS A 46 -5.26 -14.08 16.33
C LYS A 46 -6.30 -12.96 16.18
N LEU A 47 -7.21 -12.85 17.14
CA LEU A 47 -8.18 -11.77 17.13
C LEU A 47 -7.44 -10.50 17.46
N GLU A 48 -7.89 -9.39 16.92
CA GLU A 48 -7.24 -8.11 17.22
C GLU A 48 -7.46 -7.69 18.67
N SER A 49 -8.71 -7.80 19.14
CA SER A 49 -9.08 -7.32 20.46
C SER A 49 -8.38 -8.07 21.59
N SER A 50 -8.53 -9.40 21.61
CA SER A 50 -8.00 -10.22 22.69
C SER A 50 -6.54 -10.61 22.48
N GLY A 51 -6.09 -10.55 21.25
CA GLY A 51 -4.76 -11.02 20.87
C GLY A 51 -4.60 -12.52 21.00
N LYS A 52 -5.72 -13.23 21.07
CA LYS A 52 -5.72 -14.67 21.25
C LYS A 52 -5.65 -15.44 19.92
N VAL A 53 -4.66 -16.32 19.83
CA VAL A 53 -4.48 -17.21 18.70
C VAL A 53 -5.66 -18.19 18.56
N PHE A 54 -6.36 -18.12 17.43
CA PHE A 54 -7.44 -19.09 17.18
C PHE A 54 -6.98 -20.19 16.22
N ASP A 55 -5.94 -19.90 15.44
CA ASP A 55 -5.47 -20.82 14.41
C ASP A 55 -4.01 -20.53 14.06
N SER A 56 -3.21 -21.59 13.94
CA SER A 56 -1.80 -21.48 13.59
C SER A 56 -1.33 -22.73 12.86
N SER A 57 -0.76 -22.56 11.68
CA SER A 57 -0.11 -23.69 11.02
C SER A 57 1.23 -23.99 11.69
N ARG A 58 1.76 -23.00 12.41
CA ARG A 58 3.03 -23.17 13.13
C ARG A 58 2.84 -24.10 14.33
N GLU A 59 1.77 -23.91 15.12
CA GLU A 59 1.42 -24.85 16.19
C GLU A 59 1.37 -26.27 15.65
N ARG A 60 0.75 -26.43 14.50
CA ARG A 60 0.65 -27.72 13.84
C ARG A 60 1.95 -28.20 13.24
N ASN A 61 2.89 -27.28 13.01
CA ASN A 61 4.18 -27.63 12.42
C ASN A 61 3.99 -28.24 11.04
N VAL A 62 2.93 -27.80 10.36
CA VAL A 62 2.67 -28.22 9.00
C VAL A 62 2.24 -27.03 8.14
N PRO A 63 2.93 -26.80 7.01
CA PRO A 63 2.55 -25.70 6.12
C PRO A 63 1.15 -25.90 5.55
N PHE A 64 0.47 -24.78 5.29
CA PHE A 64 -0.84 -24.80 4.66
C PHE A 64 -0.78 -24.49 3.15
N LYS A 65 -1.41 -25.35 2.36
CA LYS A 65 -1.38 -25.20 0.90
C LYS A 65 -2.77 -24.89 0.34
N PHE A 66 -2.86 -23.89 -0.52
CA PHE A 66 -4.11 -23.62 -1.23
C PHE A 66 -3.89 -22.99 -2.61
N HIS A 67 -4.97 -22.90 -3.37
CA HIS A 67 -4.87 -22.27 -4.68
C HIS A 67 -5.31 -20.83 -4.62
N LEU A 68 -4.36 -19.94 -4.93
CA LEU A 68 -4.58 -18.51 -4.89
C LEU A 68 -5.72 -18.08 -5.79
N GLY A 69 -6.53 -17.17 -5.27
CA GLY A 69 -7.54 -16.45 -6.05
C GLY A 69 -8.75 -17.25 -6.46
N GLN A 70 -9.09 -18.28 -5.68
CA GLN A 70 -10.18 -19.20 -6.03
C GLN A 70 -11.24 -19.46 -4.95
N GLY A 71 -11.25 -18.62 -3.92
CA GLY A 71 -12.22 -18.74 -2.84
C GLY A 71 -12.02 -19.96 -1.96
N GLU A 72 -10.80 -20.50 -1.97
CA GLU A 72 -10.44 -21.62 -1.09
C GLU A 72 -10.18 -21.14 0.32
N VAL A 73 -10.00 -19.83 0.47
CA VAL A 73 -9.72 -19.19 1.75
C VAL A 73 -10.59 -17.94 1.91
N ILE A 74 -10.78 -17.49 3.13
CA ILE A 74 -11.47 -16.21 3.36
C ILE A 74 -10.94 -15.11 2.42
N LYS A 75 -11.82 -14.19 2.04
CA LYS A 75 -11.51 -13.09 1.13
C LYS A 75 -10.15 -12.43 1.37
N GLY A 76 -9.91 -12.02 2.61
CA GLY A 76 -8.72 -11.26 2.98
C GLY A 76 -7.42 -11.94 2.62
N TRP A 77 -7.40 -13.27 2.76
CA TRP A 77 -6.26 -14.08 2.37
C TRP A 77 -5.96 -14.03 0.88
N ASP A 78 -6.99 -14.22 0.06
CA ASP A 78 -6.85 -14.13 -1.39
C ASP A 78 -6.32 -12.76 -1.83
N ILE A 79 -6.83 -11.70 -1.21
CA ILE A 79 -6.34 -10.36 -1.51
C ILE A 79 -4.91 -10.16 -0.98
N CYS A 80 -4.64 -10.61 0.24
CA CYS A 80 -3.32 -10.43 0.84
C CYS A 80 -2.21 -11.25 0.17
N VAL A 81 -2.43 -12.55 -0.01
CA VAL A 81 -1.43 -13.41 -0.65
C VAL A 81 -1.15 -12.95 -2.08
N ALA A 82 -2.19 -12.52 -2.79
CA ALA A 82 -2.01 -11.99 -4.16
C ALA A 82 -1.00 -10.83 -4.20
N SER A 83 -0.80 -10.18 -3.06
CA SER A 83 0.07 -9.01 -3.03
C SER A 83 1.48 -9.35 -2.55
N MET A 84 1.70 -10.62 -2.21
CA MET A 84 2.95 -11.02 -1.62
C MET A 84 3.93 -11.59 -2.64
N THR A 85 5.20 -11.67 -2.26
CA THR A 85 6.22 -12.34 -3.08
C THR A 85 6.92 -13.42 -2.25
N LYS A 86 7.65 -14.31 -2.90
CA LYS A 86 8.32 -15.41 -2.21
C LYS A 86 9.11 -14.97 -0.97
N ASN A 87 8.86 -15.65 0.16
CA ASN A 87 9.51 -15.40 1.47
C ASN A 87 9.13 -14.10 2.20
N GLU A 88 8.18 -13.37 1.65
CA GLU A 88 7.54 -12.27 2.35
C GLU A 88 6.84 -12.77 3.60
N LYS A 89 7.09 -12.10 4.71
CA LYS A 89 6.35 -12.32 5.95
C LYS A 89 5.52 -11.05 6.23
N CYS A 90 4.27 -11.20 6.67
CA CYS A 90 3.43 -10.03 6.94
C CYS A 90 2.47 -10.17 8.10
N SER A 91 1.88 -9.03 8.46
CA SER A 91 0.80 -8.97 9.41
C SER A 91 -0.36 -8.25 8.73
N VAL A 92 -1.40 -9.01 8.38
CA VAL A 92 -2.56 -8.44 7.71
C VAL A 92 -3.69 -8.28 8.71
N ARG A 93 -4.25 -7.07 8.77
CA ARG A 93 -5.42 -6.76 9.59
C ARG A 93 -6.66 -6.94 8.73
N LEU A 94 -7.59 -7.75 9.19
CA LEU A 94 -8.79 -8.04 8.40
C LEU A 94 -10.04 -7.61 9.12
N ASP A 95 -10.81 -6.79 8.46
CA ASP A 95 -12.08 -6.40 8.97
C ASP A 95 -13.10 -7.54 8.80
N SER A 96 -14.16 -7.49 9.61
CA SER A 96 -15.21 -8.52 9.64
C SER A 96 -15.62 -9.09 8.27
N LYS A 97 -15.80 -8.22 7.27
CA LYS A 97 -16.33 -8.68 5.99
C LYS A 97 -15.30 -9.40 5.11
N TYR A 98 -14.03 -9.26 5.48
CA TYR A 98 -12.95 -9.97 4.82
C TYR A 98 -12.53 -11.22 5.59
N GLY A 99 -13.28 -11.53 6.64
CA GLY A 99 -13.07 -12.74 7.44
C GLY A 99 -14.33 -13.60 7.51
N TYR A 100 -14.88 -13.78 8.72
CA TYR A 100 -16.05 -14.65 8.90
C TYR A 100 -17.37 -13.90 9.11
N GLY A 101 -17.31 -12.58 8.89
CA GLY A 101 -18.51 -11.74 8.84
C GLY A 101 -19.29 -11.63 10.13
N GLU A 102 -20.59 -11.41 9.98
CA GLU A 102 -21.51 -11.17 11.10
C GLU A 102 -21.68 -12.37 12.01
N GLU A 103 -21.48 -13.57 11.48
CA GLU A 103 -21.62 -14.80 12.27
C GLU A 103 -20.36 -15.19 13.02
N GLY A 104 -19.20 -14.88 12.45
CA GLY A 104 -17.94 -15.36 13.00
C GLY A 104 -17.80 -16.84 12.74
N CYS A 105 -17.13 -17.54 13.65
CA CYS A 105 -16.88 -18.96 13.44
C CYS A 105 -16.53 -19.70 14.73
N GLY A 106 -17.50 -20.46 15.24
CA GLY A 106 -17.29 -21.25 16.44
C GLY A 106 -17.17 -20.38 17.68
N GLU A 107 -16.58 -20.95 18.72
CA GLU A 107 -16.35 -20.22 19.96
C GLU A 107 -15.25 -19.19 19.74
N SER A 108 -14.24 -19.59 18.97
CA SER A 108 -12.99 -18.85 18.83
C SER A 108 -13.09 -17.54 18.08
N ILE A 109 -14.04 -17.44 17.15
CA ILE A 109 -14.23 -16.21 16.39
C ILE A 109 -15.69 -15.72 16.50
N PRO A 110 -15.89 -14.63 17.25
CA PRO A 110 -17.22 -14.03 17.40
C PRO A 110 -17.66 -13.31 16.15
N GLY A 111 -18.93 -12.96 16.08
CA GLY A 111 -19.44 -12.14 15.01
C GLY A 111 -18.77 -10.79 15.02
N ASN A 112 -18.46 -10.28 13.83
CA ASN A 112 -17.81 -8.99 13.65
C ASN A 112 -16.41 -8.86 14.25
N SER A 113 -15.62 -9.94 14.16
CA SER A 113 -14.24 -9.91 14.66
C SER A 113 -13.29 -9.33 13.65
N VAL A 114 -12.41 -8.46 14.12
CA VAL A 114 -11.23 -8.08 13.36
C VAL A 114 -10.20 -9.17 13.59
N LEU A 115 -9.70 -9.73 12.50
CA LEU A 115 -8.71 -10.79 12.55
C LEU A 115 -7.36 -10.24 12.15
N ILE A 116 -6.32 -10.69 12.83
CA ILE A 116 -4.96 -10.36 12.41
C ILE A 116 -4.21 -11.64 12.13
N PHE A 117 -3.68 -11.75 10.91
CA PHE A 117 -2.93 -12.91 10.49
C PHE A 117 -1.50 -12.53 10.18
N GLU A 118 -0.56 -13.31 10.70
CA GLU A 118 0.81 -13.19 10.29
C GLU A 118 1.04 -14.27 9.23
N ILE A 119 1.36 -13.86 8.01
CA ILE A 119 1.43 -14.82 6.90
C ILE A 119 2.81 -14.78 6.23
N GLU A 120 3.49 -15.92 6.24
CA GLU A 120 4.77 -16.07 5.54
C GLU A 120 4.56 -16.96 4.33
N LEU A 121 4.80 -16.38 3.15
CA LEU A 121 4.73 -17.11 1.89
C LEU A 121 6.02 -17.89 1.67
N ILE A 122 5.97 -19.20 1.95
CA ILE A 122 7.15 -20.04 1.86
C ILE A 122 7.56 -20.36 0.43
N SER A 123 6.63 -20.89 -0.35
CA SER A 123 6.85 -21.19 -1.76
C SER A 123 5.53 -21.19 -2.53
N PHE A 124 5.62 -21.31 -3.85
CA PHE A 124 4.45 -21.61 -4.67
C PHE A 124 4.86 -22.42 -5.91
N ARG A 125 3.88 -22.77 -6.74
CA ARG A 125 4.11 -23.53 -7.95
C ARG A 125 2.83 -23.58 -8.75
N GLU A 126 2.93 -24.05 -9.98
CA GLU A 126 1.80 -24.07 -10.89
C GLU A 126 0.65 -24.94 -10.36
N GLU B 4 -9.87 -7.17 -7.66
CA GLU B 4 -8.55 -6.47 -7.69
C GLU B 4 -8.74 -4.95 -7.48
N THR B 5 -8.03 -4.41 -6.48
CA THR B 5 -8.06 -3.00 -6.10
C THR B 5 -6.61 -2.58 -5.86
N LEU B 6 -6.36 -1.27 -5.74
CA LEU B 6 -5.01 -0.76 -5.63
C LEU B 6 -4.58 -0.46 -4.19
N GLU B 7 -3.28 -0.59 -3.93
CA GLU B 7 -2.69 -0.38 -2.59
C GLU B 7 -2.29 1.08 -2.26
N GLN B 8 -3.12 1.78 -1.48
CA GLN B 8 -2.78 3.14 -1.08
C GLN B 8 -2.09 3.12 0.29
N VAL B 9 -1.09 3.97 0.48
CA VAL B 9 -0.33 4.01 1.74
C VAL B 9 -0.38 5.38 2.39
N HIS B 10 -0.68 5.43 3.68
CA HIS B 10 -0.71 6.70 4.43
C HIS B 10 0.69 7.08 4.88
N LEU B 11 1.22 8.17 4.32
CA LEU B 11 2.60 8.61 4.58
C LEU B 11 2.72 9.57 5.77
N THR B 12 1.58 9.92 6.34
CA THR B 12 1.50 10.75 7.53
C THR B 12 0.58 10.00 8.50
N GLU B 13 0.41 10.55 9.72
CA GLU B 13 -0.42 9.91 10.73
C GLU B 13 -1.77 10.59 10.83
N ASP B 14 -1.92 11.68 10.06
CA ASP B 14 -3.17 12.44 10.03
C ASP B 14 -4.03 12.20 8.78
N GLY B 15 -3.61 11.24 7.93
CA GLY B 15 -4.35 10.90 6.73
C GLY B 15 -4.35 12.00 5.67
N GLY B 16 -3.40 12.93 5.79
CA GLY B 16 -3.32 14.06 4.87
C GLY B 16 -2.37 13.85 3.70
N VAL B 17 -1.71 12.68 3.63
CA VAL B 17 -0.90 12.27 2.47
C VAL B 17 -1.10 10.77 2.21
N VAL B 18 -2.04 10.45 1.32
CA VAL B 18 -2.31 9.05 0.97
C VAL B 18 -1.89 8.81 -0.47
N LYS B 19 -0.96 7.88 -0.64
CA LYS B 19 -0.42 7.60 -1.95
C LYS B 19 -1.01 6.31 -2.48
N THR B 20 -1.61 6.41 -3.66
CA THR B 20 -2.06 5.24 -4.41
C THR B 20 -1.04 4.97 -5.52
N ILE B 21 -0.31 3.85 -5.42
CA ILE B 21 0.69 3.50 -6.43
C ILE B 21 0.02 2.88 -7.65
N LEU B 22 -0.01 3.62 -8.75
CA LEU B 22 -0.61 3.15 -9.99
C LEU B 22 0.35 2.22 -10.74
N ARG B 23 1.62 2.61 -10.79
CA ARG B 23 2.67 1.76 -11.33
C ARG B 23 3.85 1.70 -10.37
N LYS B 24 4.23 0.48 -10.01
CA LYS B 24 5.36 0.29 -9.12
C LYS B 24 6.69 0.59 -9.80
N GLY B 25 7.63 1.13 -9.02
CA GLY B 25 8.94 1.51 -9.52
C GLY B 25 9.89 0.33 -9.63
N GLU B 26 11.18 0.62 -9.53
CA GLU B 26 12.23 -0.40 -9.45
C GLU B 26 12.59 -0.68 -7.98
N GLY B 27 12.84 -1.95 -7.67
CA GLY B 27 12.91 -2.39 -6.28
C GLY B 27 14.30 -2.45 -5.63
N GLY B 28 15.28 -1.83 -6.28
CA GLY B 28 16.63 -1.80 -5.75
C GLY B 28 16.87 -0.56 -4.91
N GLU B 29 17.89 -0.62 -4.06
CA GLU B 29 18.25 0.51 -3.21
C GLU B 29 18.87 1.62 -4.06
N GLU B 30 19.63 1.21 -5.07
CA GLU B 30 20.20 2.10 -6.07
C GLU B 30 19.12 2.94 -6.78
N ASN B 31 17.88 2.47 -6.68
CA ASN B 31 16.73 3.13 -7.32
C ASN B 31 15.97 4.05 -6.36
N ALA B 32 16.48 4.20 -5.14
CA ALA B 32 15.82 5.01 -4.12
C ALA B 32 16.52 6.35 -3.95
N PRO B 33 15.76 7.46 -4.07
CA PRO B 33 16.29 8.82 -4.01
C PRO B 33 16.43 9.33 -2.58
N LYS B 34 17.58 9.94 -2.31
CA LYS B 34 17.93 10.45 -0.98
C LYS B 34 17.75 11.96 -0.88
N LYS B 35 17.70 12.47 0.34
CA LYS B 35 17.55 13.90 0.58
C LYS B 35 18.66 14.71 -0.10
N GLY B 36 18.26 15.74 -0.83
CA GLY B 36 19.20 16.62 -1.52
C GLY B 36 19.40 16.23 -2.98
N ASN B 37 19.06 14.99 -3.31
CA ASN B 37 19.17 14.50 -4.68
C ASN B 37 18.28 15.30 -5.59
N GLU B 38 18.82 15.67 -6.75
CA GLU B 38 18.02 16.27 -7.79
C GLU B 38 17.10 15.21 -8.39
N VAL B 39 15.79 15.37 -8.24
CA VAL B 39 14.83 14.44 -8.84
C VAL B 39 14.16 15.03 -10.09
N THR B 40 13.98 14.17 -11.10
CA THR B 40 13.29 14.55 -12.33
C THR B 40 11.93 13.85 -12.32
N VAL B 41 10.85 14.61 -12.45
CA VAL B 41 9.49 14.03 -12.39
C VAL B 41 8.56 14.53 -13.49
N HIS B 42 7.50 13.77 -13.76
CA HIS B 42 6.35 14.30 -14.49
C HIS B 42 5.14 14.21 -13.59
N TYR B 43 4.31 15.26 -13.59
CA TYR B 43 3.15 15.31 -12.70
C TYR B 43 1.94 15.95 -13.37
N VAL B 44 0.77 15.61 -12.83
CA VAL B 44 -0.49 16.29 -13.17
C VAL B 44 -1.22 16.61 -11.87
N GLY B 45 -1.48 17.90 -11.66
CA GLY B 45 -2.12 18.37 -10.43
C GLY B 45 -3.53 18.82 -10.69
N LYS B 46 -4.48 18.16 -10.03
CA LYS B 46 -5.91 18.48 -10.19
C LYS B 46 -6.53 18.60 -8.80
N LEU B 47 -7.59 19.39 -8.68
CA LEU B 47 -8.31 19.49 -7.42
C LEU B 47 -9.11 18.22 -7.25
N GLU B 48 -9.35 17.81 -6.01
CA GLU B 48 -10.14 16.61 -5.78
C GLU B 48 -11.60 16.86 -6.16
N SER B 49 -12.15 17.97 -5.66
CA SER B 49 -13.58 18.27 -5.79
C SER B 49 -14.01 18.46 -7.24
N SER B 50 -13.31 19.36 -7.94
CA SER B 50 -13.68 19.73 -9.30
C SER B 50 -13.07 18.78 -10.34
N GLY B 51 -12.00 18.09 -9.93
CA GLY B 51 -11.24 17.21 -10.83
C GLY B 51 -10.47 17.99 -11.87
N LYS B 52 -10.39 19.31 -11.68
CA LYS B 52 -9.80 20.21 -12.68
C LYS B 52 -8.29 20.38 -12.54
N VAL B 53 -7.59 20.11 -13.63
CA VAL B 53 -6.14 20.28 -13.70
C VAL B 53 -5.74 21.75 -13.54
N PHE B 54 -4.91 22.03 -12.53
CA PHE B 54 -4.40 23.37 -12.32
C PHE B 54 -2.96 23.50 -12.78
N ASP B 55 -2.28 22.36 -12.89
CA ASP B 55 -0.86 22.34 -13.22
C ASP B 55 -0.47 20.97 -13.73
N SER B 56 0.30 20.94 -14.82
CA SER B 56 0.81 19.70 -15.40
C SER B 56 2.12 19.92 -16.13
N SER B 57 3.10 19.05 -15.86
CA SER B 57 4.37 19.11 -16.57
C SER B 57 4.20 18.42 -17.93
N ARG B 58 3.15 17.62 -18.04
CA ARG B 58 2.85 16.90 -19.27
C ARG B 58 2.29 17.83 -20.36
N GLU B 59 1.35 18.71 -19.98
CA GLU B 59 0.90 19.81 -20.85
C GLU B 59 2.09 20.55 -21.44
N ARG B 60 3.05 20.85 -20.57
CA ARG B 60 4.26 21.57 -20.94
C ARG B 60 5.22 20.68 -21.73
N ASN B 61 5.04 19.37 -21.63
CA ASN B 61 5.88 18.39 -22.34
C ASN B 61 7.34 18.44 -21.89
N VAL B 62 7.56 18.90 -20.67
CA VAL B 62 8.89 19.00 -20.11
C VAL B 62 8.86 18.57 -18.65
N PRO B 63 9.75 17.65 -18.28
CA PRO B 63 9.83 17.19 -16.89
C PRO B 63 10.26 18.30 -15.94
N PHE B 64 9.83 18.18 -14.67
CA PHE B 64 10.14 19.13 -13.60
C PHE B 64 11.25 18.58 -12.69
N LYS B 65 12.28 19.41 -12.45
CA LYS B 65 13.44 19.04 -11.62
C LYS B 65 13.50 19.84 -10.33
N PHE B 66 13.65 19.15 -9.20
CA PHE B 66 13.84 19.81 -7.90
C PHE B 66 14.67 18.98 -6.95
N HIS B 67 15.06 19.57 -5.82
CA HIS B 67 15.84 18.85 -4.81
C HIS B 67 14.99 18.33 -3.68
N LEU B 68 15.05 17.03 -3.50
CA LEU B 68 14.22 16.35 -2.55
C LEU B 68 14.55 16.75 -1.11
N GLY B 69 13.50 17.01 -0.33
CA GLY B 69 13.60 17.17 1.11
C GLY B 69 14.08 18.52 1.61
N GLN B 70 13.93 19.56 0.77
CA GLN B 70 14.50 20.88 1.08
C GLN B 70 13.50 22.04 1.00
N GLY B 71 12.21 21.74 0.98
CA GLY B 71 11.17 22.76 0.88
C GLY B 71 11.14 23.53 -0.44
N GLU B 72 11.57 22.87 -1.51
CA GLU B 72 11.54 23.49 -2.85
C GLU B 72 10.13 23.35 -3.38
N VAL B 73 9.41 22.37 -2.83
CA VAL B 73 8.05 22.06 -3.23
C VAL B 73 7.17 21.98 -1.98
N ILE B 74 5.87 22.09 -2.16
CA ILE B 74 4.91 21.91 -1.08
C ILE B 74 5.22 20.64 -0.30
N LYS B 75 4.93 20.67 1.00
CA LYS B 75 5.20 19.55 1.91
C LYS B 75 4.86 18.17 1.37
N GLY B 76 3.61 18.01 0.92
CA GLY B 76 3.11 16.74 0.38
C GLY B 76 3.99 16.09 -0.67
N TRP B 77 4.61 16.89 -1.52
CA TRP B 77 5.54 16.40 -2.53
C TRP B 77 6.80 15.80 -1.93
N ASP B 78 7.49 16.60 -1.11
CA ASP B 78 8.70 16.14 -0.44
C ASP B 78 8.45 14.82 0.30
N ILE B 79 7.28 14.68 0.93
CA ILE B 79 6.92 13.43 1.63
C ILE B 79 6.64 12.32 0.63
N CYS B 80 5.94 12.66 -0.45
CA CYS B 80 5.51 11.69 -1.45
C CYS B 80 6.69 11.13 -2.26
N VAL B 81 7.49 12.03 -2.82
CA VAL B 81 8.62 11.65 -3.66
C VAL B 81 9.67 10.89 -2.85
N ALA B 82 9.84 11.28 -1.58
CA ALA B 82 10.73 10.55 -0.67
C ALA B 82 10.37 9.06 -0.55
N SER B 83 9.09 8.74 -0.70
CA SER B 83 8.61 7.37 -0.60
C SER B 83 8.55 6.67 -1.96
N MET B 84 9.19 7.23 -2.98
CA MET B 84 9.10 6.67 -4.32
C MET B 84 10.42 6.07 -4.76
N THR B 85 10.38 5.24 -5.79
CA THR B 85 11.57 4.64 -6.40
C THR B 85 11.47 4.78 -7.92
N LYS B 86 12.60 4.69 -8.61
CA LYS B 86 12.66 4.90 -10.08
C LYS B 86 11.50 4.31 -10.88
N ASN B 87 10.91 5.17 -11.71
CA ASN B 87 9.78 4.85 -12.60
C ASN B 87 8.49 4.45 -11.91
N GLU B 88 8.39 4.79 -10.64
CA GLU B 88 7.12 4.72 -9.96
C GLU B 88 6.22 5.83 -10.46
N LYS B 89 4.99 5.45 -10.81
CA LYS B 89 3.92 6.41 -11.05
C LYS B 89 3.01 6.33 -9.82
N CYS B 90 2.26 7.39 -9.50
CA CYS B 90 1.34 7.35 -8.35
C CYS B 90 0.33 8.48 -8.38
N SER B 91 -0.68 8.35 -7.54
CA SER B 91 -1.67 9.39 -7.34
C SER B 91 -1.75 9.69 -5.85
N VAL B 92 -1.22 10.85 -5.47
CA VAL B 92 -1.16 11.25 -4.08
C VAL B 92 -2.30 12.21 -3.75
N ARG B 93 -2.99 11.93 -2.64
CA ARG B 93 -4.07 12.78 -2.15
C ARG B 93 -3.54 13.66 -1.02
N LEU B 94 -3.58 14.97 -1.21
CA LEU B 94 -2.98 15.86 -0.24
C LEU B 94 -4.01 16.74 0.41
N ASP B 95 -4.09 16.70 1.74
CA ASP B 95 -4.90 17.65 2.49
C ASP B 95 -4.37 19.07 2.47
N SER B 96 -5.28 20.00 2.76
CA SER B 96 -5.00 21.45 2.80
C SER B 96 -3.62 21.80 3.36
N LYS B 97 -3.29 21.29 4.55
CA LYS B 97 -2.04 21.65 5.23
C LYS B 97 -0.75 21.11 4.58
N TYR B 98 -0.92 20.14 3.66
CA TYR B 98 0.18 19.54 2.91
C TYR B 98 0.33 20.11 1.50
N GLY B 99 -0.48 21.13 1.23
CA GLY B 99 -0.42 21.90 0.00
C GLY B 99 -0.40 23.41 0.29
N TYR B 100 -1.41 24.13 -0.19
CA TYR B 100 -1.37 25.59 -0.09
C TYR B 100 -2.20 26.15 1.06
N GLY B 101 -2.72 25.27 1.91
CA GLY B 101 -3.29 25.67 3.18
C GLY B 101 -4.59 26.46 3.10
N GLU B 102 -4.77 27.36 4.06
CA GLU B 102 -6.02 28.10 4.23
C GLU B 102 -6.20 29.18 3.17
N GLU B 103 -5.10 29.62 2.58
CA GLU B 103 -5.12 30.64 1.54
C GLU B 103 -5.30 30.04 0.14
N GLY B 104 -4.70 28.88 -0.08
CA GLY B 104 -4.61 28.31 -1.42
C GLY B 104 -3.60 29.08 -2.26
N CYS B 105 -3.84 29.18 -3.56
CA CYS B 105 -2.86 29.79 -4.45
C CYS B 105 -3.45 30.30 -5.79
N GLY B 106 -3.81 31.58 -5.81
CA GLY B 106 -4.41 32.18 -7.01
C GLY B 106 -5.83 31.73 -7.22
N GLU B 107 -6.35 31.94 -8.43
CA GLU B 107 -7.70 31.50 -8.78
C GLU B 107 -7.76 29.97 -8.76
N SER B 108 -6.71 29.35 -9.30
CA SER B 108 -6.68 27.91 -9.57
C SER B 108 -6.74 27.01 -8.34
N ILE B 109 -6.23 27.48 -7.21
CA ILE B 109 -6.33 26.69 -5.98
C ILE B 109 -6.95 27.49 -4.83
N PRO B 110 -8.21 27.17 -4.47
CA PRO B 110 -8.89 27.86 -3.38
C PRO B 110 -8.33 27.50 -2.01
N GLY B 111 -8.75 28.26 -0.98
CA GLY B 111 -8.40 27.94 0.40
C GLY B 111 -8.99 26.61 0.80
N ASN B 112 -8.21 25.84 1.54
CA ASN B 112 -8.61 24.51 2.00
C ASN B 112 -8.89 23.47 0.90
N SER B 113 -8.14 23.55 -0.19
CA SER B 113 -8.25 22.60 -1.29
C SER B 113 -7.55 21.29 -0.96
N VAL B 114 -8.23 20.18 -1.23
CA VAL B 114 -7.58 18.88 -1.28
C VAL B 114 -7.05 18.71 -2.70
N LEU B 115 -5.74 18.49 -2.79
CA LEU B 115 -5.06 18.37 -4.08
C LEU B 115 -4.79 16.91 -4.37
N ILE B 116 -4.84 16.53 -5.64
CA ILE B 116 -4.46 15.20 -6.06
C ILE B 116 -3.45 15.37 -7.17
N PHE B 117 -2.36 14.63 -7.06
CA PHE B 117 -1.27 14.71 -8.01
C PHE B 117 -1.00 13.34 -8.55
N GLU B 118 -0.65 13.27 -9.82
CA GLU B 118 -0.17 12.05 -10.38
C GLU B 118 1.32 12.23 -10.63
N ILE B 119 2.13 11.63 -9.80
CA ILE B 119 3.56 11.86 -9.88
C ILE B 119 4.30 10.62 -10.39
N GLU B 120 4.94 10.77 -11.54
CA GLU B 120 5.86 9.76 -12.05
C GLU B 120 7.29 10.22 -11.81
N LEU B 121 8.05 9.41 -11.08
CA LEU B 121 9.47 9.65 -10.84
C LEU B 121 10.29 9.05 -12.00
N ILE B 122 10.78 9.92 -12.87
CA ILE B 122 11.50 9.51 -14.08
C ILE B 122 12.94 9.09 -13.76
N SER B 123 13.72 10.02 -13.22
CA SER B 123 15.08 9.71 -12.80
C SER B 123 15.46 10.57 -11.60
N PHE B 124 16.68 10.38 -11.11
CA PHE B 124 17.30 11.27 -10.14
C PHE B 124 18.83 11.17 -10.24
N ARG B 125 19.51 11.99 -9.45
CA ARG B 125 20.97 11.99 -9.40
C ARG B 125 21.48 12.68 -8.15
N GLU B 126 22.73 12.36 -7.78
CA GLU B 126 23.33 12.70 -6.50
C GLU B 126 23.99 14.06 -6.53
N ALA C 1 -14.18 -23.49 8.84
CA ALA C 1 -14.98 -24.12 7.73
C ALA C 1 -15.72 -23.11 6.86
N LEU C 2 -15.54 -23.28 5.55
CA LEU C 2 -16.03 -22.38 4.48
C LEU C 2 -15.75 -20.87 4.66
N PRO C 3 -14.55 -20.42 4.26
CA PRO C 3 -13.37 -21.26 4.11
C PRO C 3 -12.43 -20.92 5.25
N PHE C 4 -11.15 -21.26 5.14
CA PHE C 4 -10.18 -20.97 6.21
C PHE C 4 -9.14 -19.90 5.88
#